data_8QG6
#
_entry.id   8QG6
#
_cell.length_a   62.800
_cell.length_b   75.360
_cell.length_c   118.410
_cell.angle_alpha   90.00
_cell.angle_beta   90.00
_cell.angle_gamma   90.00
#
_symmetry.space_group_name_H-M   'I 2 2 2'
#
loop_
_entity.id
_entity.type
_entity.pdbx_description
1 polymer 'NAD kinase 1'
2 non-polymer 'CITRIC ACID'
3 non-polymer (2~{R},3~{R},4~{S},5~{R})-2-(6-aminopurin-9-yl)-5-[3-[6-azanyl-9-(phenylmethyl)purin-8-yl]prop-2-ynoxymethyl]oxolane-3,4-diol
4 water water
#
_entity_poly.entity_id   1
_entity_poly.type   'polypeptide(L)'
_entity_poly.pdbx_seq_one_letter_code
;MKYMITSKGDEKSDLLRLNMIAGFGEYDMEYDDVEPEIVISIGGDGTFLSAFHQYEERLDEIAFIGIHTGHLGFYADWRP
AEADKLVKLLAKGEYQKVSYPLLKTTVKYGIGKKEATYLALNESTVKSSGGPFVVDVVINDIHFERFRGDGLCMSTPSGT
TAYNKSLGGALMHPSIEAMQLTEMASINNRVYRTIGSPLVFPKHHVVSLQPVNDKDFQISVDHLSILHRDVQEIRYEVSA
KKIHFARFRSFPFWRRVHDSFIEDLEHHHHHH
;
_entity_poly.pdbx_strand_id   A
#
loop_
_chem_comp.id
_chem_comp.type
_chem_comp.name
_chem_comp.formula
CIT non-polymer 'CITRIC ACID' 'C6 H8 O7'
V09 non-polymer (2~{R},3~{R},4~{S},5~{R})-2-(6-aminopurin-9-yl)-5-[3-[6-azanyl-9-(phenylmethyl)purin-8-yl]prop-2-ynoxymethyl]oxolane-3,4-diol 'C25 H24 N10 O4'
#
# COMPACT_ATOMS: atom_id res chain seq x y z
N MET A 1 -6.11 13.18 22.84
CA MET A 1 -6.40 11.77 22.71
C MET A 1 -5.12 10.96 22.55
N LYS A 2 -5.27 9.64 22.47
CA LYS A 2 -4.10 8.77 22.41
C LYS A 2 -3.42 8.87 21.05
N TYR A 3 -2.09 8.86 21.07
CA TYR A 3 -1.31 9.00 19.85
C TYR A 3 0.03 8.29 20.02
N MET A 4 0.74 8.13 18.90
CA MET A 4 2.10 7.60 18.91
C MET A 4 2.81 8.11 17.66
N ILE A 5 4.14 8.02 17.68
CA ILE A 5 4.96 8.53 16.58
C ILE A 5 6.03 7.48 16.28
N THR A 6 6.08 7.01 15.04
CA THR A 6 7.16 6.16 14.57
C THR A 6 8.14 7.02 13.76
N SER A 7 9.40 6.59 13.76
CA SER A 7 10.49 7.38 13.18
C SER A 7 11.31 6.53 12.22
N LYS A 8 11.91 7.22 11.24
CA LYS A 8 12.81 6.55 10.31
C LYS A 8 14.03 5.99 11.03
N GLY A 9 14.45 6.61 12.12
CA GLY A 9 15.60 6.16 12.88
C GLY A 9 16.84 7.01 12.74
N ASP A 10 16.89 7.89 11.75
CA ASP A 10 18.02 8.79 11.59
C ASP A 10 17.95 9.91 12.62
N GLU A 11 19.02 10.71 12.68
CA GLU A 11 19.07 11.81 13.64
C GLU A 11 17.99 12.84 13.35
N LYS A 12 17.71 13.10 12.08
CA LYS A 12 16.72 14.12 11.73
C LYS A 12 15.34 13.73 12.21
N SER A 13 14.95 12.46 12.00
CA SER A 13 13.59 12.05 12.32
C SER A 13 13.39 11.89 13.83
N ASP A 14 14.39 11.34 14.52
CA ASP A 14 14.26 11.13 15.96
C ASP A 14 14.08 12.44 16.71
N LEU A 15 14.82 13.48 16.33
CA LEU A 15 14.72 14.75 17.02
C LEU A 15 13.47 15.53 16.62
N LEU A 16 13.00 15.37 15.38
CA LEU A 16 11.68 15.88 15.03
C LEU A 16 10.61 15.16 15.85
N ARG A 17 10.80 13.87 16.09
CA ARG A 17 9.84 13.11 16.89
C ARG A 17 9.85 13.58 18.35
N LEU A 18 11.04 13.81 18.91
CA LEU A 18 11.13 14.27 20.29
C LEU A 18 10.55 15.68 20.45
N ASN A 19 10.67 16.53 19.43
CA ASN A 19 10.11 17.87 19.53
C ASN A 19 8.60 17.84 19.49
N MET A 20 8.01 16.97 18.65
CA MET A 20 6.56 16.89 18.59
C MET A 20 6.00 16.29 19.87
N ILE A 21 6.66 15.29 20.43
CA ILE A 21 6.25 14.73 21.71
C ILE A 21 6.26 15.82 22.78
N ALA A 22 7.32 16.62 22.81
CA ALA A 22 7.38 17.75 23.74
C ALA A 22 6.27 18.74 23.46
N GLY A 23 5.99 19.01 22.18
CA GLY A 23 4.88 19.89 21.85
C GLY A 23 3.55 19.32 22.26
N PHE A 24 3.38 18.00 22.09
CA PHE A 24 2.14 17.35 22.53
C PHE A 24 2.00 17.38 24.04
N GLY A 25 3.11 17.44 24.77
CA GLY A 25 3.04 17.50 26.22
C GLY A 25 2.34 18.76 26.73
N GLU A 26 2.29 19.81 25.92
CA GLU A 26 1.60 21.05 26.27
C GLU A 26 0.11 20.98 26.02
N TYR A 27 -0.41 19.85 25.54
CA TYR A 27 -1.82 19.68 25.26
C TYR A 27 -2.33 18.41 25.94
N ASP A 28 -3.65 18.24 25.92
CA ASP A 28 -4.28 17.03 26.45
C ASP A 28 -4.08 15.91 25.43
N MET A 29 -2.88 15.33 25.45
CA MET A 29 -2.49 14.27 24.53
C MET A 29 -1.71 13.22 25.28
N GLU A 30 -2.09 11.96 25.10
CA GLU A 30 -1.46 10.83 25.80
C GLU A 30 -0.73 9.98 24.78
N TYR A 31 0.58 9.78 24.98
CA TYR A 31 1.32 8.88 24.12
C TYR A 31 0.96 7.44 24.46
N ASP A 32 0.63 6.67 23.43
CA ASP A 32 0.25 5.26 23.60
C ASP A 32 0.46 4.57 22.27
N ASP A 33 1.41 3.63 22.21
CA ASP A 33 1.66 2.88 20.99
C ASP A 33 0.99 1.51 21.00
N VAL A 34 -0.01 1.32 21.85
CA VAL A 34 -0.78 0.08 21.88
C VAL A 34 -2.14 0.34 21.25
N GLU A 35 -2.86 1.33 21.79
CA GLU A 35 -4.16 1.74 21.25
C GLU A 35 -4.17 3.24 20.94
N PRO A 36 -3.36 3.69 19.99
CA PRO A 36 -3.41 5.10 19.61
C PRO A 36 -4.61 5.38 18.71
N GLU A 37 -5.09 6.62 18.79
CA GLU A 37 -6.06 7.12 17.83
C GLU A 37 -5.39 7.89 16.69
N ILE A 38 -4.18 8.37 16.89
CA ILE A 38 -3.42 9.10 15.89
C ILE A 38 -2.05 8.47 15.77
N VAL A 39 -1.70 8.02 14.57
CA VAL A 39 -0.39 7.44 14.29
C VAL A 39 0.35 8.38 13.35
N ILE A 40 1.46 8.93 13.83
CA ILE A 40 2.29 9.87 13.06
C ILE A 40 3.55 9.13 12.61
N SER A 41 3.83 9.18 11.32
CA SER A 41 5.02 8.57 10.75
C SER A 41 5.97 9.65 10.28
N ILE A 42 7.23 9.55 10.68
CA ILE A 42 8.25 10.53 10.35
C ILE A 42 9.37 9.80 9.62
N GLY A 43 9.54 10.13 8.34
CA GLY A 43 10.49 9.46 7.48
C GLY A 43 10.06 9.52 6.03
N GLY A 44 10.02 8.37 5.36
CA GLY A 44 9.53 8.31 4.00
C GLY A 44 8.28 7.47 3.89
N ASP A 45 7.87 7.14 2.66
CA ASP A 45 6.75 6.24 2.48
C ASP A 45 7.03 4.85 3.05
N GLY A 46 8.30 4.46 3.09
CA GLY A 46 8.65 3.20 3.72
C GLY A 46 8.38 3.18 5.20
N THR A 47 8.67 4.30 5.89
CA THR A 47 8.33 4.42 7.29
C THR A 47 6.83 4.41 7.49
N PHE A 48 6.09 5.13 6.64
CA PHE A 48 4.64 5.12 6.72
C PHE A 48 4.07 3.73 6.46
N LEU A 49 4.63 3.02 5.48
CA LEU A 49 4.22 1.64 5.23
C LEU A 49 4.38 0.79 6.48
N SER A 50 5.51 0.92 7.17
CA SER A 50 5.74 0.15 8.40
C SER A 50 4.75 0.56 9.48
N ALA A 51 4.46 1.87 9.59
CA ALA A 51 3.48 2.33 10.56
C ALA A 51 2.10 1.76 10.25
N PHE A 52 1.77 1.63 8.96
CA PHE A 52 0.47 1.07 8.57
C PHE A 52 0.35 -0.38 9.00
N HIS A 53 1.34 -1.21 8.66
CA HIS A 53 1.28 -2.63 8.98
C HIS A 53 1.47 -2.90 10.46
N GLN A 54 2.07 -1.96 11.19
CA GLN A 54 2.18 -2.11 12.64
C GLN A 54 0.81 -2.10 13.29
N TYR A 55 -0.14 -1.34 12.75
CA TYR A 55 -1.47 -1.19 13.32
C TYR A 55 -2.57 -1.59 12.36
N GLU A 56 -2.32 -2.59 11.51
CA GLU A 56 -3.32 -2.97 10.52
C GLU A 56 -4.53 -3.66 11.12
N GLU A 57 -4.52 -3.95 12.42
CA GLU A 57 -5.66 -4.57 13.10
C GLU A 57 -6.57 -3.56 13.78
N ARG A 58 -6.23 -2.27 13.72
CA ARG A 58 -7.03 -1.19 14.31
C ARG A 58 -7.19 -0.05 13.31
N LEU A 59 -7.40 -0.41 12.04
CA LEU A 59 -7.48 0.61 10.99
C LEU A 59 -8.73 1.46 11.14
N ASP A 60 -9.85 0.87 11.55
CA ASP A 60 -11.08 1.62 11.76
C ASP A 60 -11.01 2.59 12.93
N GLU A 61 -9.93 2.57 13.70
CA GLU A 61 -9.82 3.38 14.92
C GLU A 61 -8.58 4.26 14.92
N ILE A 62 -7.97 4.50 13.76
CA ILE A 62 -6.72 5.24 13.67
C ILE A 62 -6.77 6.17 12.47
N ALA A 63 -6.31 7.41 12.67
CA ALA A 63 -6.10 8.37 11.59
C ALA A 63 -4.60 8.57 11.43
N PHE A 64 -4.08 8.25 10.25
CA PHE A 64 -2.66 8.33 9.99
C PHE A 64 -2.25 9.71 9.50
N ILE A 65 -1.02 10.10 9.85
CA ILE A 65 -0.39 11.32 9.35
C ILE A 65 1.06 11.00 9.03
N GLY A 66 1.52 11.46 7.86
CA GLY A 66 2.89 11.22 7.41
C GLY A 66 3.66 12.52 7.30
N ILE A 67 4.89 12.51 7.78
CA ILE A 67 5.82 13.64 7.65
C ILE A 67 7.06 13.14 6.95
N HIS A 68 7.47 13.85 5.90
CA HIS A 68 8.64 13.46 5.10
C HIS A 68 9.84 14.32 5.53
N THR A 69 10.85 13.67 6.12
CA THR A 69 12.10 14.33 6.44
C THR A 69 13.01 14.47 5.23
N GLY A 70 12.83 13.63 4.22
CA GLY A 70 13.55 13.79 2.96
C GLY A 70 12.63 14.34 1.88
N HIS A 71 12.62 13.69 0.72
CA HIS A 71 11.79 14.15 -0.38
C HIS A 71 10.31 13.92 -0.09
N LEU A 72 9.47 14.46 -0.95
CA LEU A 72 8.03 14.32 -0.83
C LEU A 72 7.62 12.86 -1.06
N GLY A 73 6.81 12.31 -0.15
CA GLY A 73 6.19 11.03 -0.32
C GLY A 73 4.70 11.18 -0.56
N PHE A 74 4.09 10.10 -1.07
CA PHE A 74 2.66 10.15 -1.34
C PHE A 74 1.83 9.98 -0.08
N TYR A 75 2.37 9.31 0.93
CA TYR A 75 1.71 9.17 2.22
C TYR A 75 2.26 10.13 3.26
N ALA A 76 3.56 10.41 3.21
CA ALA A 76 4.18 11.40 4.10
C ALA A 76 4.26 12.72 3.34
N ASP A 77 3.16 13.46 3.37
CA ASP A 77 3.00 14.68 2.59
C ASP A 77 2.99 15.94 3.46
N TRP A 78 3.70 15.92 4.58
CA TRP A 78 3.84 17.10 5.43
C TRP A 78 5.32 17.43 5.58
N ARG A 79 5.66 18.69 5.39
CA ARG A 79 7.03 19.13 5.56
C ARG A 79 7.39 19.18 7.05
N PRO A 80 8.66 18.92 7.40
CA PRO A 80 9.03 18.93 8.82
C PRO A 80 8.82 20.27 9.50
N ALA A 81 8.96 21.38 8.76
CA ALA A 81 8.77 22.70 9.33
C ALA A 81 7.33 22.97 9.73
N GLU A 82 6.40 22.08 9.40
CA GLU A 82 5.00 22.24 9.74
C GLU A 82 4.59 21.39 10.94
N ALA A 83 5.55 20.76 11.62
CA ALA A 83 5.21 19.86 12.72
C ALA A 83 4.56 20.61 13.88
N ASP A 84 5.08 21.78 14.22
CA ASP A 84 4.48 22.57 15.30
C ASP A 84 3.04 22.93 14.98
N LYS A 85 2.80 23.42 13.75
CA LYS A 85 1.43 23.66 13.31
C LYS A 85 0.63 22.36 13.29
N LEU A 86 1.28 21.25 12.95
CA LEU A 86 0.59 19.97 12.94
C LEU A 86 0.18 19.57 14.36
N VAL A 87 1.10 19.74 15.32
CA VAL A 87 0.78 19.47 16.72
C VAL A 87 -0.41 20.30 17.17
N LYS A 88 -0.40 21.59 16.83
CA LYS A 88 -1.46 22.50 17.26
C LYS A 88 -2.81 22.06 16.69
N LEU A 89 -2.90 21.94 15.37
CA LEU A 89 -4.16 21.56 14.73
C LEU A 89 -4.63 20.19 15.18
N LEU A 90 -3.69 19.27 15.42
CA LEU A 90 -4.06 17.93 15.88
C LEU A 90 -4.61 17.96 17.31
N ALA A 91 -4.19 18.94 18.11
CA ALA A 91 -4.69 19.06 19.47
C ALA A 91 -6.20 19.25 19.48
N LYS A 92 -6.70 20.15 18.65
CA LYS A 92 -8.14 20.29 18.44
C LYS A 92 -8.57 19.42 17.27
N TYR A 95 -9.94 18.79 12.29
CA TYR A 95 -9.57 18.03 11.10
C TYR A 95 -10.65 17.03 10.72
N GLN A 96 -10.63 16.63 9.44
CA GLN A 96 -11.49 15.58 8.93
C GLN A 96 -10.65 14.36 8.59
N LYS A 97 -11.33 13.32 8.11
CA LYS A 97 -10.70 12.07 7.70
C LYS A 97 -11.03 11.78 6.24
N VAL A 98 -10.01 11.36 5.49
CA VAL A 98 -10.21 10.80 4.16
C VAL A 98 -9.68 9.37 4.18
N SER A 99 -10.31 8.51 3.39
CA SER A 99 -10.01 7.09 3.40
C SER A 99 -9.63 6.61 2.01
N TYR A 100 -8.61 5.74 1.96
CA TYR A 100 -8.14 5.12 0.74
C TYR A 100 -8.44 3.62 0.75
N PRO A 101 -8.74 3.04 -0.42
CA PRO A 101 -9.02 1.60 -0.47
C PRO A 101 -7.76 0.78 -0.24
N LEU A 102 -7.98 -0.46 0.16
CA LEU A 102 -6.90 -1.40 0.43
C LEU A 102 -7.15 -2.69 -0.35
N LEU A 103 -6.10 -3.48 -0.48
CA LEU A 103 -6.14 -4.73 -1.24
C LEU A 103 -6.03 -5.92 -0.29
N LYS A 104 -6.96 -6.86 -0.43
CA LYS A 104 -6.94 -8.10 0.36
C LYS A 104 -6.33 -9.21 -0.47
N THR A 105 -5.33 -9.89 0.11
CA THR A 105 -4.66 -11.01 -0.53
C THR A 105 -4.89 -12.25 0.33
N THR A 106 -5.44 -13.30 -0.28
CA THR A 106 -5.67 -14.56 0.39
C THR A 106 -4.80 -15.65 -0.26
N VAL A 107 -4.02 -16.33 0.56
CA VAL A 107 -3.14 -17.41 0.10
C VAL A 107 -3.63 -18.70 0.72
N LYS A 108 -4.11 -19.61 -0.13
CA LYS A 108 -4.57 -20.92 0.31
C LYS A 108 -3.52 -21.99 0.04
N TYR A 109 -3.50 -23.00 0.89
CA TYR A 109 -2.55 -24.10 0.78
C TYR A 109 -3.26 -25.44 0.71
N GLU A 115 -4.76 -21.35 5.17
CA GLU A 115 -5.12 -20.09 4.53
C GLU A 115 -4.63 -18.89 5.32
N ALA A 116 -3.98 -17.95 4.63
CA ALA A 116 -3.48 -16.72 5.23
C ALA A 116 -3.97 -15.53 4.43
N THR A 117 -4.32 -14.46 5.13
CA THR A 117 -4.81 -13.23 4.50
C THR A 117 -3.90 -12.07 4.88
N TYR A 118 -3.63 -11.21 3.91
CA TYR A 118 -2.78 -10.05 4.11
C TYR A 118 -3.46 -8.81 3.54
N LEU A 119 -3.15 -7.66 4.14
CA LEU A 119 -3.63 -6.37 3.68
C LEU A 119 -2.47 -5.58 3.08
N ALA A 120 -2.71 -4.93 1.95
CA ALA A 120 -1.67 -4.16 1.26
C ALA A 120 -2.15 -2.73 1.09
N LEU A 121 -1.26 -1.79 1.42
CA LEU A 121 -1.52 -0.38 1.14
C LEU A 121 -1.07 0.00 -0.26
N ASN A 122 0.05 -0.58 -0.72
CA ASN A 122 0.55 -0.30 -2.06
C ASN A 122 0.16 -1.42 -3.03
N GLU A 123 0.73 -2.61 -2.87
CA GLU A 123 0.47 -3.67 -3.84
C GLU A 123 0.89 -5.01 -3.24
N SER A 124 0.50 -6.08 -3.96
CA SER A 124 0.95 -7.44 -3.69
C SER A 124 1.39 -8.06 -5.00
N THR A 125 2.58 -8.66 -5.02
CA THR A 125 3.14 -9.24 -6.22
C THR A 125 3.39 -10.73 -6.01
N VAL A 126 3.44 -11.46 -7.14
CA VAL A 126 3.70 -12.89 -7.14
C VAL A 126 4.81 -13.16 -8.14
N LYS A 127 5.84 -13.87 -7.70
CA LYS A 127 6.91 -14.34 -8.59
C LYS A 127 7.21 -15.80 -8.27
N SER A 128 7.94 -16.45 -9.17
CA SER A 128 8.30 -17.84 -8.96
C SER A 128 9.42 -17.96 -7.92
N SER A 129 9.60 -19.18 -7.42
CA SER A 129 10.64 -19.47 -6.43
C SER A 129 12.00 -19.69 -7.07
N GLY A 130 12.16 -19.39 -8.36
CA GLY A 130 13.41 -19.59 -9.05
C GLY A 130 13.24 -20.05 -10.48
N GLY A 131 12.37 -21.03 -10.69
CA GLY A 131 12.10 -21.55 -12.00
C GLY A 131 11.17 -20.66 -12.80
N PRO A 132 10.45 -21.24 -13.76
CA PRO A 132 9.52 -20.44 -14.57
C PRO A 132 8.24 -20.14 -13.80
N PHE A 133 7.74 -18.92 -13.97
CA PHE A 133 6.50 -18.50 -13.35
C PHE A 133 5.37 -18.71 -14.35
N VAL A 134 4.47 -19.65 -14.05
CA VAL A 134 3.30 -19.93 -14.87
C VAL A 134 2.10 -20.05 -13.94
N VAL A 135 1.09 -19.20 -14.16
CA VAL A 135 -0.14 -19.26 -13.39
C VAL A 135 -1.33 -19.09 -14.34
N ASP A 136 -2.43 -19.77 -14.01
CA ASP A 136 -3.70 -19.53 -14.67
C ASP A 136 -4.41 -18.39 -13.94
N VAL A 137 -4.82 -17.37 -14.68
CA VAL A 137 -5.49 -16.21 -14.11
C VAL A 137 -6.99 -16.42 -14.26
N VAL A 138 -7.71 -16.39 -13.13
CA VAL A 138 -9.14 -16.67 -13.08
C VAL A 138 -9.82 -15.44 -12.52
N ILE A 139 -10.79 -14.90 -13.26
CA ILE A 139 -11.50 -13.69 -12.88
C ILE A 139 -12.95 -14.07 -12.63
N ASN A 140 -13.39 -13.97 -11.37
CA ASN A 140 -14.77 -14.29 -11.00
C ASN A 140 -15.15 -15.68 -11.48
N ASP A 141 -14.24 -16.64 -11.31
CA ASP A 141 -14.38 -18.07 -11.56
C ASP A 141 -14.31 -18.44 -13.04
N ILE A 142 -14.13 -17.48 -13.96
CA ILE A 142 -13.93 -17.79 -15.37
C ILE A 142 -12.44 -17.67 -15.67
N HIS A 143 -11.92 -18.63 -16.43
CA HIS A 143 -10.49 -18.62 -16.76
CA HIS A 143 -10.50 -18.63 -16.77
C HIS A 143 -10.22 -17.56 -17.82
N PHE A 144 -9.37 -16.59 -17.47
CA PHE A 144 -9.10 -15.47 -18.36
C PHE A 144 -7.85 -15.69 -19.20
N GLU A 145 -6.77 -16.19 -18.59
CA GLU A 145 -5.52 -16.35 -19.31
C GLU A 145 -4.59 -17.24 -18.51
N ARG A 146 -3.60 -17.79 -19.22
CA ARG A 146 -2.49 -18.51 -18.60
C ARG A 146 -1.27 -17.60 -18.74
N PHE A 147 -0.80 -17.06 -17.63
CA PHE A 147 0.28 -16.08 -17.64
C PHE A 147 1.63 -16.77 -17.54
N ARG A 148 2.53 -16.44 -18.47
CA ARG A 148 3.92 -16.85 -18.43
C ARG A 148 4.77 -15.60 -18.43
N GLY A 149 5.68 -15.48 -17.47
CA GLY A 149 6.51 -14.31 -17.39
C GLY A 149 7.24 -14.27 -16.06
N ASP A 150 7.61 -13.05 -15.66
CA ASP A 150 8.33 -12.87 -14.41
C ASP A 150 7.40 -12.80 -13.20
N GLY A 151 6.19 -12.27 -13.37
CA GLY A 151 5.25 -12.22 -12.28
C GLY A 151 4.11 -11.26 -12.57
N LEU A 152 3.28 -11.08 -11.55
CA LEU A 152 2.12 -10.20 -11.61
C LEU A 152 2.12 -9.28 -10.40
N CYS A 153 1.44 -8.14 -10.54
CA CYS A 153 1.37 -7.14 -9.48
C CYS A 153 -0.05 -6.60 -9.43
N MET A 154 -0.69 -6.72 -8.26
CA MET A 154 -2.02 -6.19 -8.02
C MET A 154 -1.88 -4.97 -7.11
N SER A 155 -2.31 -3.81 -7.60
CA SER A 155 -2.04 -2.54 -6.94
C SER A 155 -3.32 -1.91 -6.41
N THR A 156 -3.21 -1.27 -5.25
CA THR A 156 -4.25 -0.40 -4.75
C THR A 156 -4.23 0.91 -5.54
N PRO A 157 -5.28 1.73 -5.43
CA PRO A 157 -5.25 3.03 -6.13
C PRO A 157 -4.06 3.90 -5.75
N SER A 158 -3.89 4.18 -4.46
CA SER A 158 -2.73 4.95 -4.01
C SER A 158 -1.42 4.22 -4.29
N GLY A 159 -1.47 2.89 -4.44
CA GLY A 159 -0.29 2.14 -4.82
C GLY A 159 0.09 2.23 -6.27
N THR A 160 -0.79 2.78 -7.11
CA THR A 160 -0.53 2.84 -8.55
C THR A 160 0.64 3.76 -8.89
N THR A 161 0.99 4.70 -8.01
CA THR A 161 2.15 5.56 -8.23
C THR A 161 3.47 4.89 -7.87
N ALA A 162 3.44 3.65 -7.40
CA ALA A 162 4.63 2.98 -6.90
C ALA A 162 5.02 1.87 -7.89
N TYR A 163 5.14 0.62 -7.46
CA TYR A 163 5.57 -0.47 -8.34
C TYR A 163 4.69 -0.55 -9.59
N ASN A 164 3.38 -0.37 -9.42
CA ASN A 164 2.46 -0.42 -10.56
C ASN A 164 2.87 0.55 -11.67
N LYS A 165 3.34 1.75 -11.30
CA LYS A 165 3.71 2.73 -12.30
C LYS A 165 4.91 2.27 -13.12
N SER A 166 5.91 1.66 -12.46
CA SER A 166 7.11 1.24 -13.17
C SER A 166 6.83 0.11 -14.16
N LEU A 167 5.71 -0.59 -14.01
CA LEU A 167 5.35 -1.69 -14.88
C LEU A 167 4.39 -1.28 -15.98
N GLY A 168 4.18 0.02 -16.17
CA GLY A 168 3.30 0.52 -17.21
C GLY A 168 1.85 0.70 -16.80
N GLY A 169 1.52 0.47 -15.52
CA GLY A 169 0.15 0.62 -15.08
C GLY A 169 -0.30 2.07 -15.07
N ALA A 170 -1.62 2.25 -15.02
CA ALA A 170 -2.22 3.57 -14.96
C ALA A 170 -2.27 4.08 -13.53
N LEU A 171 -2.25 5.41 -13.38
CA LEU A 171 -2.39 6.05 -12.09
C LEU A 171 -3.88 6.28 -11.83
N MET A 172 -4.39 5.69 -10.76
CA MET A 172 -5.79 5.80 -10.39
C MET A 172 -5.95 6.75 -9.21
N HIS A 173 -6.97 7.60 -9.27
CA HIS A 173 -7.27 8.46 -8.14
C HIS A 173 -7.79 7.62 -6.98
N PRO A 174 -7.30 7.84 -5.75
CA PRO A 174 -7.68 6.94 -4.65
C PRO A 174 -9.14 6.98 -4.26
N SER A 175 -9.94 7.89 -4.83
CA SER A 175 -11.38 7.86 -4.56
C SER A 175 -12.07 6.70 -5.26
N ILE A 176 -11.41 6.05 -6.22
CA ILE A 176 -11.98 4.94 -6.95
C ILE A 176 -11.65 3.64 -6.21
N GLU A 177 -12.68 2.94 -5.74
CA GLU A 177 -12.48 1.69 -5.03
C GLU A 177 -12.22 0.60 -6.06
N ALA A 178 -10.93 0.32 -6.30
CA ALA A 178 -10.55 -0.61 -7.35
C ALA A 178 -9.17 -1.16 -7.05
N MET A 179 -8.78 -2.16 -7.84
CA MET A 179 -7.44 -2.72 -7.83
C MET A 179 -6.98 -2.87 -9.27
N GLN A 180 -5.66 -2.82 -9.48
CA GLN A 180 -5.10 -2.86 -10.82
C GLN A 180 -4.06 -3.97 -10.92
N LEU A 181 -4.21 -4.82 -11.91
CA LEU A 181 -3.29 -5.93 -12.16
C LEU A 181 -2.40 -5.57 -13.35
N THR A 182 -1.10 -5.68 -13.17
CA THR A 182 -0.13 -5.43 -14.23
C THR A 182 0.81 -6.61 -14.37
N GLU A 183 1.31 -6.80 -15.59
CA GLU A 183 2.17 -7.92 -15.91
C GLU A 183 3.64 -7.55 -15.74
N MET A 184 4.46 -8.56 -15.45
CA MET A 184 5.91 -8.40 -15.36
C MET A 184 6.55 -9.29 -16.41
N ALA A 185 6.98 -8.68 -17.51
CA ALA A 185 7.74 -9.35 -18.56
C ALA A 185 7.06 -10.63 -19.00
N SER A 186 5.86 -10.45 -19.52
CA SER A 186 5.04 -11.56 -20.02
C SER A 186 5.57 -12.04 -21.37
N ILE A 187 5.57 -13.35 -21.55
CA ILE A 187 5.96 -13.95 -22.82
C ILE A 187 4.73 -13.97 -23.73
N ASN A 188 4.91 -13.50 -24.96
CA ASN A 188 3.83 -13.47 -25.94
C ASN A 188 4.39 -13.95 -27.28
N ASN A 189 3.93 -15.10 -27.73
CA ASN A 189 4.28 -15.63 -29.04
C ASN A 189 3.05 -16.35 -29.59
N ARG A 190 3.26 -17.25 -30.55
CA ARG A 190 2.14 -17.93 -31.18
C ARG A 190 1.41 -18.85 -30.20
N VAL A 191 2.10 -19.36 -29.19
CA VAL A 191 1.55 -20.38 -28.30
C VAL A 191 1.11 -19.79 -26.96
N TYR A 192 1.91 -18.88 -26.38
CA TYR A 192 1.57 -18.24 -25.12
C TYR A 192 0.99 -16.87 -25.40
N ARG A 193 -0.08 -16.52 -24.69
CA ARG A 193 -0.81 -15.29 -24.95
C ARG A 193 -1.35 -14.72 -23.65
N THR A 194 -1.00 -13.46 -23.36
CA THR A 194 -1.56 -12.71 -22.25
C THR A 194 -2.26 -11.48 -22.80
N ILE A 195 -3.02 -10.81 -21.94
CA ILE A 195 -3.75 -9.62 -22.36
C ILE A 195 -2.79 -8.45 -22.60
N GLY A 196 -1.65 -8.44 -21.92
CA GLY A 196 -0.71 -7.32 -22.03
C GLY A 196 -1.10 -6.05 -21.33
N SER A 197 -2.32 -5.56 -21.55
CA SER A 197 -2.74 -4.31 -20.92
C SER A 197 -2.95 -4.51 -19.43
N PRO A 198 -2.74 -3.46 -18.64
CA PRO A 198 -3.15 -3.51 -17.23
C PRO A 198 -4.66 -3.66 -17.13
N LEU A 199 -5.08 -4.34 -16.07
CA LEU A 199 -6.50 -4.59 -15.82
C LEU A 199 -6.91 -3.90 -14.53
N VAL A 200 -8.01 -3.16 -14.58
CA VAL A 200 -8.54 -2.45 -13.42
C VAL A 200 -9.85 -3.12 -13.03
N PHE A 201 -9.89 -3.64 -11.79
CA PHE A 201 -11.04 -4.37 -11.30
C PHE A 201 -11.80 -3.57 -10.25
N PRO A 202 -13.12 -3.60 -10.27
CA PRO A 202 -13.91 -2.89 -9.26
C PRO A 202 -14.03 -3.71 -7.99
N LYS A 203 -14.71 -3.13 -7.00
CA LYS A 203 -15.06 -3.86 -5.80
C LYS A 203 -15.84 -5.12 -6.15
N HIS A 204 -15.65 -6.16 -5.34
CA HIS A 204 -16.37 -7.43 -5.38
C HIS A 204 -15.96 -8.33 -6.53
N HIS A 205 -15.06 -7.89 -7.40
CA HIS A 205 -14.44 -8.79 -8.37
C HIS A 205 -13.27 -9.52 -7.72
N VAL A 206 -13.18 -10.83 -7.95
CA VAL A 206 -12.14 -11.65 -7.35
C VAL A 206 -11.23 -12.15 -8.47
N VAL A 207 -9.93 -11.85 -8.35
CA VAL A 207 -8.91 -12.36 -9.25
C VAL A 207 -8.13 -13.44 -8.52
N SER A 208 -8.08 -14.63 -9.12
CA SER A 208 -7.48 -15.81 -8.51
C SER A 208 -6.33 -16.31 -9.39
N LEU A 209 -5.15 -16.45 -8.78
CA LEU A 209 -3.99 -17.04 -9.44
C LEU A 209 -3.83 -18.48 -9.00
N GLN A 210 -3.65 -19.38 -9.97
CA GLN A 210 -3.64 -20.80 -9.68
C GLN A 210 -2.46 -21.47 -10.37
N PRO A 211 -1.73 -22.34 -9.66
CA PRO A 211 -0.49 -22.90 -10.23
C PRO A 211 -0.77 -23.85 -11.38
N VAL A 212 0.28 -24.08 -12.17
CA VAL A 212 0.24 -24.98 -13.31
C VAL A 212 1.19 -26.16 -13.13
N ASN A 213 2.43 -25.88 -12.73
CA ASN A 213 3.39 -26.93 -12.39
C ASN A 213 4.02 -26.67 -11.03
N ASP A 214 4.85 -25.64 -10.94
CA ASP A 214 5.46 -25.26 -9.66
C ASP A 214 4.40 -24.67 -8.74
N LYS A 215 4.48 -25.05 -7.46
CA LYS A 215 3.51 -24.61 -6.46
C LYS A 215 4.12 -23.71 -5.40
N ASP A 216 5.38 -23.31 -5.57
CA ASP A 216 6.06 -22.42 -4.64
C ASP A 216 6.20 -21.04 -5.28
N PHE A 217 5.80 -20.00 -4.55
CA PHE A 217 5.80 -18.64 -5.06
C PHE A 217 6.38 -17.69 -4.03
N GLN A 218 7.14 -16.71 -4.51
CA GLN A 218 7.62 -15.60 -3.69
C GLN A 218 6.55 -14.51 -3.76
N ILE A 219 5.82 -14.31 -2.66
CA ILE A 219 4.71 -13.38 -2.60
C ILE A 219 5.13 -12.16 -1.78
N SER A 220 4.98 -10.97 -2.35
CA SER A 220 5.27 -9.73 -1.66
C SER A 220 3.97 -9.03 -1.30
N VAL A 221 3.98 -8.33 -0.16
CA VAL A 221 2.90 -7.45 0.25
C VAL A 221 3.55 -6.18 0.78
N ASP A 222 3.50 -5.11 0.00
CA ASP A 222 4.18 -3.85 0.31
C ASP A 222 5.67 -4.16 0.44
N HIS A 223 6.32 -3.88 1.57
CA HIS A 223 7.75 -4.13 1.69
C HIS A 223 8.05 -5.59 2.01
N LEU A 224 7.12 -6.29 2.64
CA LEU A 224 7.35 -7.67 3.05
C LEU A 224 7.26 -8.62 1.87
N SER A 225 8.15 -9.62 1.86
CA SER A 225 8.23 -10.61 0.79
C SER A 225 8.58 -11.95 1.40
N ILE A 226 7.69 -12.94 1.26
CA ILE A 226 7.84 -14.25 1.87
C ILE A 226 7.69 -15.32 0.81
N LEU A 227 8.54 -16.34 0.88
CA LEU A 227 8.40 -17.51 0.02
C LEU A 227 7.30 -18.40 0.57
N HIS A 228 6.25 -18.61 -0.21
CA HIS A 228 5.13 -19.46 0.16
C HIS A 228 5.26 -20.80 -0.58
N ARG A 229 5.07 -21.89 0.16
CA ARG A 229 5.22 -23.23 -0.37
C ARG A 229 3.87 -23.95 -0.42
N ASP A 230 3.72 -24.82 -1.43
CA ASP A 230 2.51 -25.60 -1.64
C ASP A 230 1.27 -24.71 -1.68
N VAL A 231 1.33 -23.69 -2.55
CA VAL A 231 0.22 -22.78 -2.75
C VAL A 231 -0.80 -23.45 -3.66
N GLN A 232 -2.07 -23.40 -3.26
CA GLN A 232 -3.18 -23.85 -4.10
C GLN A 232 -3.83 -22.70 -4.86
N GLU A 233 -3.79 -21.49 -4.33
CA GLU A 233 -4.48 -20.37 -4.94
C GLU A 233 -4.05 -19.08 -4.24
N ILE A 234 -3.99 -17.99 -5.00
CA ILE A 234 -3.81 -16.65 -4.48
C ILE A 234 -5.02 -15.83 -4.93
N ARG A 235 -5.74 -15.27 -3.98
CA ARG A 235 -6.97 -14.53 -4.27
C ARG A 235 -6.78 -13.05 -3.99
N TYR A 236 -7.15 -12.23 -4.97
CA TYR A 236 -7.04 -10.77 -4.89
C TYR A 236 -8.43 -10.16 -4.96
N GLU A 237 -8.67 -9.16 -4.12
CA GLU A 237 -9.94 -8.44 -4.11
C GLU A 237 -9.77 -7.15 -3.33
N VAL A 238 -10.57 -6.15 -3.69
CA VAL A 238 -10.58 -4.89 -2.97
C VAL A 238 -11.06 -5.14 -1.54
N SER A 239 -10.27 -4.72 -0.56
CA SER A 239 -10.59 -4.98 0.83
C SER A 239 -11.83 -4.21 1.27
N ALA A 240 -12.54 -4.78 2.24
CA ALA A 240 -13.62 -4.03 2.90
C ALA A 240 -13.08 -3.03 3.90
N LYS A 241 -11.86 -3.21 4.39
CA LYS A 241 -11.23 -2.26 5.28
C LYS A 241 -10.61 -1.13 4.49
N LYS A 242 -10.50 0.03 5.14
CA LYS A 242 -9.90 1.21 4.54
C LYS A 242 -8.94 1.86 5.53
N ILE A 243 -7.92 2.53 5.00
CA ILE A 243 -7.00 3.32 5.80
C ILE A 243 -7.52 4.75 5.87
N HIS A 244 -7.36 5.38 7.04
CA HIS A 244 -7.92 6.70 7.28
C HIS A 244 -6.79 7.69 7.54
N PHE A 245 -6.81 8.80 6.80
CA PHE A 245 -5.83 9.87 6.94
C PHE A 245 -6.46 11.07 7.63
N ALA A 246 -5.70 11.74 8.48
CA ALA A 246 -6.10 13.02 9.03
C ALA A 246 -5.64 14.12 8.08
N ARG A 247 -6.60 14.86 7.51
CA ARG A 247 -6.30 15.94 6.59
C ARG A 247 -6.56 17.27 7.29
N PHE A 248 -5.56 18.15 7.25
CA PHE A 248 -5.68 19.48 7.83
C PHE A 248 -5.78 20.57 6.78
N ARG A 249 -5.65 20.23 5.50
CA ARG A 249 -5.69 21.20 4.41
C ARG A 249 -5.85 20.40 3.11
N SER A 250 -5.96 21.13 2.00
CA SER A 250 -6.11 20.51 0.69
C SER A 250 -4.74 20.24 0.08
N PHE A 251 -4.44 18.96 -0.14
CA PHE A 251 -3.28 18.55 -0.94
C PHE A 251 -3.80 17.51 -1.93
N PRO A 252 -4.26 17.95 -3.10
CA PRO A 252 -4.90 17.02 -4.05
C PRO A 252 -3.95 15.94 -4.52
N PHE A 253 -4.54 14.77 -4.81
CA PHE A 253 -3.75 13.63 -5.26
C PHE A 253 -3.01 13.94 -6.56
N TRP A 254 -3.70 14.58 -7.51
CA TRP A 254 -3.05 14.92 -8.77
C TRP A 254 -1.95 15.95 -8.57
N ARG A 255 -2.08 16.82 -7.56
CA ARG A 255 -0.98 17.71 -7.24
C ARG A 255 0.19 16.94 -6.63
N ARG A 256 -0.12 15.95 -5.77
CA ARG A 256 0.93 15.08 -5.25
C ARG A 256 1.65 14.35 -6.37
N VAL A 257 0.90 13.87 -7.37
CA VAL A 257 1.50 13.22 -8.53
C VAL A 257 2.38 14.20 -9.28
N HIS A 258 1.89 15.42 -9.50
CA HIS A 258 2.68 16.43 -10.21
C HIS A 258 3.95 16.78 -9.45
N ASP A 259 3.85 16.94 -8.13
CA ASP A 259 5.03 17.31 -7.34
C ASP A 259 6.06 16.19 -7.30
N SER A 260 5.61 14.93 -7.38
CA SER A 260 6.54 13.81 -7.25
C SER A 260 7.17 13.44 -8.59
N PHE A 261 6.47 13.68 -9.70
CA PHE A 261 6.91 13.17 -10.99
C PHE A 261 7.19 14.24 -12.04
N ILE A 262 6.47 15.37 -12.02
CA ILE A 262 6.70 16.40 -13.02
C ILE A 262 7.79 17.34 -12.54
N GLU A 263 7.55 18.03 -11.42
CA GLU A 263 8.52 18.89 -10.76
C GLU A 263 7.87 19.49 -9.52
N ASP A 264 8.73 19.92 -8.59
CA ASP A 264 8.25 20.58 -7.38
C ASP A 264 8.96 21.92 -7.23
C1 CIT B . -8.20 14.85 -3.81
O1 CIT B . -7.41 14.13 -4.48
O2 CIT B . -8.64 15.88 -4.36
C2 CIT B . -8.64 14.49 -2.40
C3 CIT B . -7.47 14.41 -1.42
O7 CIT B . -6.77 15.68 -1.39
C4 CIT B . -7.97 14.10 -0.02
C5 CIT B . -8.43 15.38 0.65
O3 CIT B . -9.65 15.56 0.89
O4 CIT B . -7.61 16.26 0.95
C6 CIT B . -6.49 13.32 -1.83
O5 CIT B . -6.73 12.13 -1.58
O6 CIT B . -5.45 13.62 -2.46
C1 V09 C . 5.23 6.85 -4.95
C2 V09 C . 6.30 5.47 -3.45
C3 V09 C . 5.09 4.89 -3.11
C4 V09 C . 3.94 5.35 -3.74
N1 V09 C . 7.22 4.85 -2.73
C5 V09 C . 8.30 -0.76 -3.80
C6 V09 C . 6.88 -1.35 -3.63
C7 V09 C . 6.61 -1.19 -2.11
C8 V09 C . 7.89 -0.52 -1.58
C9 V09 C . 8.24 -0.79 -0.14
C10 V09 C . 6.63 3.95 -1.94
C11 V09 C . 10.78 2.26 -5.07
C12 V09 C . 10.24 3.38 -5.68
C13 V09 C . 9.55 4.32 -4.93
C14 V09 C . 9.41 4.13 -3.57
C15 V09 C . 9.94 3.01 -2.95
C16 V09 C . 10.63 2.07 -3.70
C17 V09 C . 8.65 5.14 -2.71
C18 V09 C . 7.31 3.11 -1.03
C19 V09 C . 7.89 2.38 -0.24
C20 V09 C . 8.55 1.49 0.72
C21 V09 C . 9.69 -2.14 -5.37
C22 V09 C . 9.69 -1.03 -7.20
C23 V09 C . 8.94 -0.33 -6.27
C24 V09 C . 8.55 1.31 -7.86
C25 V09 C . 9.84 -0.50 -8.48
N2 V09 C . 4.05 6.32 -4.66
N3 V09 C . 6.34 6.45 -4.37
N4 V09 C . 2.76 4.82 -3.45
N5 V09 C . 5.31 3.96 -2.19
N6 V09 C . 8.96 -1.05 -5.14
N7 V09 C . 10.14 -2.13 -6.62
N8 V09 C . 8.38 0.83 -6.63
N9 V09 C . 9.26 0.66 -8.77
N10 V09 C . 10.56 -1.15 -9.39
O1 V09 C . 5.94 -0.71 -4.46
O2 V09 C . 5.50 -0.33 -1.91
O3 V09 C . 8.91 -0.86 -2.53
O4 V09 C . 9.11 0.20 0.42
#